data_1E3T
#
_entry.id   1E3T
#
_cell.length_a   1.000
_cell.length_b   1.000
_cell.length_c   1.000
_cell.angle_alpha   90.00
_cell.angle_beta   90.00
_cell.angle_gamma   90.00
#
_symmetry.space_group_name_H-M   'P 1'
#
loop_
_entity.id
_entity.type
_entity.pdbx_description
1 polymer 'NICOTINAMIDE NUCLEOTIDE TRANSHYDROGENASE (SUBUNIT BETA)'
2 non-polymer 'NADP NICOTINAMIDE-ADENINE-DINUCLEOTIDE PHOSPHATE'
#
_entity_poly.entity_id   1
_entity_poly.type   'polypeptide(L)'
_entity_poly.pdbx_seq_one_letter_code
;MNRSIFNVILGGFGSEGGVAAAGGAAGDRSVKAGSAEDAAFIMKNASKVIIVPGYGMAVAQAQHALREMADVLKKEGVEV
SYAIHPVAGRMPGHMNVLLAEANVPYDEVFELEEINSSFQTADVAFVIGANDVTNPAAKTDPSSPIYGMPILDVEKAGTV
LFIKRSMASGYAGVENELFFRNNTMMLFGDAKKMTEQIVQAMN
;
_entity_poly.pdbx_strand_id   A
#
loop_
_chem_comp.id
_chem_comp.type
_chem_comp.name
_chem_comp.formula
NAP non-polymer 'NADP NICOTINAMIDE-ADENINE-DINUCLEOTIDE PHOSPHATE' 'C21 H28 N7 O17 P3'
#
# COMPACT_ATOMS: atom_id res chain seq x y z
N ARG A 29 -4.89 -14.38 16.38
CA ARG A 29 -4.42 -12.97 16.30
C ARG A 29 -3.73 -12.72 14.94
N SER A 30 -3.03 -11.63 14.80
CA SER A 30 -2.36 -11.34 13.50
C SER A 30 -0.95 -10.82 13.72
N VAL A 31 -0.75 -9.54 13.61
CA VAL A 31 0.63 -9.04 13.77
C VAL A 31 0.69 -7.50 13.72
N LYS A 32 -0.29 -6.84 14.25
CA LYS A 32 -0.27 -5.34 14.24
C LYS A 32 -0.78 -4.79 15.57
N ALA A 33 -0.89 -3.49 15.69
CA ALA A 33 -1.37 -2.90 16.97
C ALA A 33 -1.95 -1.51 16.71
N GLY A 34 -1.13 -0.52 16.52
CA GLY A 34 -1.64 0.86 16.28
C GLY A 34 -2.14 0.95 14.83
N SER A 35 -3.22 1.66 14.61
CA SER A 35 -3.75 1.79 13.23
C SER A 35 -2.98 2.86 12.45
N ALA A 36 -3.65 3.85 11.91
CA ALA A 36 -2.91 4.90 11.15
C ALA A 36 -1.78 5.46 12.02
N GLU A 37 -2.01 5.59 13.30
CA GLU A 37 -0.94 6.12 14.19
C GLU A 37 0.36 5.43 13.84
N ASP A 38 0.28 4.22 13.31
CA ASP A 38 1.51 3.48 12.93
C ASP A 38 2.01 4.03 11.58
N ALA A 39 1.11 4.36 10.70
CA ALA A 39 1.55 4.92 9.38
C ALA A 39 2.58 6.01 9.60
N ALA A 40 2.31 6.93 10.48
CA ALA A 40 3.28 8.04 10.72
C ALA A 40 4.72 7.52 10.67
N PHE A 41 4.94 6.30 11.07
CA PHE A 41 6.33 5.75 11.03
C PHE A 41 6.63 5.18 9.63
N ILE A 42 5.81 4.28 9.16
CA ILE A 42 6.05 3.67 7.80
C ILE A 42 5.70 4.68 6.71
N MET A 43 5.05 5.73 7.06
CA MET A 43 4.63 6.71 6.05
C MET A 43 5.34 8.05 6.25
N LYS A 44 4.96 8.77 7.27
CA LYS A 44 5.55 10.11 7.49
C LYS A 44 6.93 9.99 8.17
N ASN A 45 7.49 8.82 8.25
CA ASN A 45 8.83 8.67 8.90
C ASN A 45 9.43 7.30 8.61
N ALA A 46 9.40 6.88 7.36
CA ALA A 46 9.99 5.55 7.01
C ALA A 46 10.90 5.66 5.80
N SER A 47 12.16 5.92 6.02
CA SER A 47 13.16 6.06 4.89
C SER A 47 12.70 5.45 3.58
N LYS A 48 12.18 4.26 3.56
CA LYS A 48 11.82 3.68 2.25
C LYS A 48 10.59 2.78 2.27
N VAL A 49 9.56 3.20 1.55
CA VAL A 49 8.27 2.44 1.48
C VAL A 49 7.79 2.40 0.02
N ILE A 50 6.52 2.19 -0.17
CA ILE A 50 5.93 2.16 -1.53
C ILE A 50 4.41 2.33 -1.44
N ILE A 51 3.93 3.51 -1.76
CA ILE A 51 2.47 3.76 -1.68
C ILE A 51 1.77 2.85 -2.68
N VAL A 52 1.07 1.88 -2.21
CA VAL A 52 0.40 0.99 -3.18
C VAL A 52 -1.08 1.38 -3.28
N PRO A 53 -1.36 2.17 -4.27
CA PRO A 53 -2.74 2.66 -4.51
C PRO A 53 -3.66 1.51 -4.92
N GLY A 54 -4.51 1.08 -4.05
CA GLY A 54 -5.43 -0.02 -4.40
C GLY A 54 -6.75 0.58 -4.84
N TYR A 55 -7.84 -0.05 -4.52
CA TYR A 55 -9.15 0.51 -4.92
C TYR A 55 -9.55 1.67 -4.00
N GLY A 56 -9.40 1.51 -2.70
CA GLY A 56 -9.78 2.62 -1.77
C GLY A 56 -8.85 3.82 -1.97
N MET A 57 -7.60 3.62 -1.69
CA MET A 57 -6.56 4.70 -1.85
C MET A 57 -7.06 5.95 -2.57
N ALA A 58 -7.16 5.86 -3.85
CA ALA A 58 -7.57 7.03 -4.66
C ALA A 58 -9.05 7.32 -4.48
N VAL A 59 -9.81 6.31 -4.25
CA VAL A 59 -11.26 6.51 -4.09
C VAL A 59 -11.60 6.44 -2.62
N ALA A 60 -10.61 6.71 -1.82
CA ALA A 60 -10.81 6.68 -0.36
C ALA A 60 -10.46 8.05 0.21
N GLN A 61 -9.39 8.59 -0.28
CA GLN A 61 -8.91 9.93 0.15
C GLN A 61 -7.42 9.94 -0.14
N ALA A 62 -6.82 8.77 -0.13
CA ALA A 62 -5.38 8.68 -0.43
C ALA A 62 -5.11 9.52 -1.66
N GLN A 63 -5.93 9.34 -2.69
CA GLN A 63 -5.76 10.12 -3.94
C GLN A 63 -5.20 11.50 -3.57
N HIS A 64 -5.86 12.22 -2.72
CA HIS A 64 -5.28 13.53 -2.29
C HIS A 64 -4.56 13.35 -0.96
N ALA A 65 -4.82 12.29 -0.23
CA ALA A 65 -4.08 12.09 1.04
C ALA A 65 -2.67 11.66 0.70
N LEU A 66 -2.51 10.48 0.16
CA LEU A 66 -1.15 10.06 -0.20
C LEU A 66 -0.58 11.11 -1.14
N ARG A 67 -1.41 11.93 -1.73
CA ARG A 67 -0.87 13.00 -2.61
C ARG A 67 -0.06 13.97 -1.74
N GLU A 68 -0.70 14.66 -0.84
CA GLU A 68 0.05 15.58 0.04
C GLU A 68 1.05 14.76 0.86
N MET A 69 0.68 13.56 1.20
CA MET A 69 1.63 12.69 1.96
C MET A 69 2.90 12.56 1.12
N ALA A 70 2.82 11.96 -0.04
CA ALA A 70 4.02 11.82 -0.92
C ALA A 70 4.77 13.14 -1.09
N ASP A 71 4.24 14.24 -0.62
CA ASP A 71 4.97 15.52 -0.81
C ASP A 71 5.49 16.04 0.53
N VAL A 72 4.61 16.40 1.42
CA VAL A 72 5.06 16.89 2.74
C VAL A 72 5.87 15.82 3.46
N LEU A 73 5.84 14.62 2.94
CA LEU A 73 6.56 13.52 3.62
C LEU A 73 7.77 13.09 2.79
N LYS A 74 7.67 13.10 1.50
CA LYS A 74 8.83 12.71 0.69
C LYS A 74 9.90 13.79 0.92
N LYS A 75 9.45 14.97 1.21
CA LYS A 75 10.39 16.10 1.47
C LYS A 75 11.20 15.81 2.72
N GLU A 76 10.61 15.15 3.68
CA GLU A 76 11.37 14.84 4.92
C GLU A 76 12.63 14.05 4.52
N GLY A 77 12.56 13.38 3.42
CA GLY A 77 13.72 12.57 2.95
C GLY A 77 13.30 11.11 2.84
N VAL A 78 12.03 10.84 2.81
CA VAL A 78 11.59 9.42 2.72
C VAL A 78 11.16 9.08 1.28
N GLU A 79 11.45 7.88 0.85
CA GLU A 79 11.05 7.49 -0.54
C GLU A 79 9.60 7.04 -0.56
N VAL A 80 9.06 6.91 -1.73
CA VAL A 80 7.65 6.45 -1.85
C VAL A 80 7.33 6.10 -3.30
N SER A 81 7.33 4.84 -3.59
CA SER A 81 7.00 4.40 -4.97
C SER A 81 5.61 3.76 -4.93
N TYR A 82 5.15 3.18 -5.99
CA TYR A 82 3.80 2.57 -5.91
C TYR A 82 3.82 1.08 -6.30
N ALA A 83 3.56 0.24 -5.33
CA ALA A 83 3.59 -1.25 -5.53
C ALA A 83 2.23 -1.78 -5.95
N ILE A 84 1.95 -1.84 -7.21
CA ILE A 84 0.60 -2.37 -7.57
C ILE A 84 0.54 -2.75 -9.04
N HIS A 85 -0.10 -3.84 -9.34
CA HIS A 85 -0.26 -4.22 -10.76
C HIS A 85 -0.76 -2.99 -11.48
N PRO A 86 -0.39 -2.80 -12.70
CA PRO A 86 -0.86 -1.60 -13.44
C PRO A 86 -2.38 -1.64 -13.66
N VAL A 87 -3.12 -2.06 -12.65
CA VAL A 87 -4.60 -2.15 -12.74
C VAL A 87 -5.21 -2.32 -11.33
N ALA A 88 -4.47 -2.00 -10.28
CA ALA A 88 -5.05 -2.20 -8.90
C ALA A 88 -6.17 -1.20 -8.64
N GLY A 89 -7.36 -1.50 -9.11
CA GLY A 89 -8.50 -0.59 -8.88
C GLY A 89 -9.46 -0.68 -10.06
N ARG A 90 -9.87 0.44 -10.59
CA ARG A 90 -10.81 0.42 -11.75
C ARG A 90 -10.02 0.24 -13.05
N MET A 91 -9.99 1.21 -13.92
CA MET A 91 -9.22 1.06 -15.18
C MET A 91 -7.78 0.64 -14.88
N PRO A 92 -7.03 0.41 -15.93
CA PRO A 92 -5.62 0.01 -15.77
C PRO A 92 -4.76 1.21 -15.40
N GLY A 93 -4.38 2.01 -16.36
CA GLY A 93 -3.56 3.21 -16.03
C GLY A 93 -4.43 4.22 -15.29
N HIS A 94 -5.02 3.82 -14.19
CA HIS A 94 -5.89 4.75 -13.43
C HIS A 94 -5.30 4.99 -12.03
N MET A 95 -4.94 3.96 -11.33
CA MET A 95 -4.36 4.20 -9.98
C MET A 95 -3.27 5.26 -10.06
N ASN A 96 -2.75 5.46 -11.23
CA ASN A 96 -1.69 6.50 -11.42
C ASN A 96 -2.37 7.86 -11.46
N VAL A 97 -3.67 7.89 -11.64
CA VAL A 97 -4.39 9.19 -11.67
C VAL A 97 -4.33 9.79 -10.28
N LEU A 98 -4.79 9.09 -9.28
CA LEU A 98 -4.71 9.63 -7.89
C LEU A 98 -3.29 10.10 -7.67
N LEU A 99 -2.37 9.45 -8.30
CA LEU A 99 -0.97 9.87 -8.15
C LEU A 99 -0.75 11.15 -8.97
N ALA A 100 -1.27 11.17 -10.16
CA ALA A 100 -1.14 12.37 -11.03
C ALA A 100 -2.26 13.37 -10.75
N GLU A 101 -3.49 12.95 -10.94
CA GLU A 101 -4.63 13.88 -10.70
C GLU A 101 -4.50 14.53 -9.33
N ALA A 102 -3.93 13.84 -8.37
CA ALA A 102 -3.75 14.47 -7.04
C ALA A 102 -2.50 15.37 -7.11
N ASN A 103 -1.32 14.80 -7.02
CA ASN A 103 -0.07 15.63 -7.13
C ASN A 103 1.14 14.69 -7.04
N VAL A 104 0.99 13.62 -6.32
CA VAL A 104 2.10 12.63 -6.15
C VAL A 104 2.69 12.30 -7.53
N PRO A 105 3.92 11.87 -7.54
CA PRO A 105 4.62 11.58 -8.79
C PRO A 105 4.54 10.10 -9.20
N TYR A 106 4.81 9.83 -10.45
CA TYR A 106 4.76 8.42 -10.94
C TYR A 106 6.15 8.01 -11.47
N ASP A 107 7.12 8.87 -11.36
CA ASP A 107 8.50 8.53 -11.84
C ASP A 107 9.14 7.52 -10.88
N GLU A 108 8.78 7.61 -9.62
CA GLU A 108 9.30 6.64 -8.61
C GLU A 108 8.20 5.61 -8.40
N VAL A 109 7.40 5.45 -9.40
CA VAL A 109 6.26 4.54 -9.27
C VAL A 109 6.47 3.31 -10.15
N PHE A 110 6.44 2.14 -9.56
CA PHE A 110 6.64 0.89 -10.36
C PHE A 110 5.35 0.07 -10.42
N GLU A 111 4.93 -0.23 -11.61
CA GLU A 111 3.68 -1.00 -11.80
C GLU A 111 3.71 -2.35 -11.09
N LEU A 112 4.18 -3.37 -11.75
CA LEU A 112 4.18 -4.69 -11.12
C LEU A 112 5.50 -5.41 -11.25
N GLU A 113 5.72 -5.97 -12.39
CA GLU A 113 6.94 -6.75 -12.60
C GLU A 113 8.18 -5.97 -12.21
N GLU A 114 8.08 -4.67 -12.14
CA GLU A 114 9.27 -3.87 -11.77
C GLU A 114 9.26 -3.56 -10.27
N ILE A 115 8.28 -4.02 -9.55
CA ILE A 115 8.24 -3.74 -8.08
C ILE A 115 9.35 -4.51 -7.37
N ASN A 116 10.02 -5.38 -8.07
CA ASN A 116 11.13 -6.15 -7.45
C ASN A 116 12.17 -5.17 -6.90
N SER A 117 12.11 -3.94 -7.34
CA SER A 117 13.08 -2.93 -6.86
C SER A 117 12.47 -2.08 -5.75
N SER A 118 11.27 -1.59 -5.96
CA SER A 118 10.61 -0.75 -4.91
C SER A 118 10.72 -1.45 -3.55
N PHE A 119 10.28 -2.68 -3.48
CA PHE A 119 10.31 -3.43 -2.21
C PHE A 119 11.73 -3.97 -1.90
N GLN A 120 12.68 -3.75 -2.77
CA GLN A 120 14.05 -4.25 -2.49
C GLN A 120 14.73 -3.37 -1.44
N THR A 121 14.32 -2.14 -1.34
CA THR A 121 14.92 -1.23 -0.32
C THR A 121 13.83 -0.69 0.61
N ALA A 122 12.59 -0.66 0.14
CA ALA A 122 11.50 -0.15 1.02
C ALA A 122 11.48 -0.91 2.34
N ASP A 123 11.78 -0.27 3.43
CA ASP A 123 11.70 -0.96 4.73
C ASP A 123 10.26 -0.91 5.21
N VAL A 124 9.34 -0.82 4.28
CA VAL A 124 7.90 -0.72 4.62
C VAL A 124 7.09 -0.90 3.33
N ALA A 125 5.81 -0.63 3.38
CA ALA A 125 4.96 -0.75 2.15
C ALA A 125 3.59 -0.21 2.48
N PHE A 126 3.32 1.03 2.24
CA PHE A 126 1.95 1.47 2.58
C PHE A 126 1.01 0.89 1.54
N VAL A 127 0.53 -0.32 1.78
CA VAL A 127 -0.39 -0.98 0.82
C VAL A 127 -1.78 -0.40 1.06
N ILE A 128 -2.05 0.69 0.40
CA ILE A 128 -3.33 1.46 0.61
C ILE A 128 -4.49 1.02 -0.31
N GLY A 129 -5.51 0.40 0.26
CA GLY A 129 -6.71 -0.01 -0.53
C GLY A 129 -6.46 -1.21 -1.44
N ALA A 130 -5.26 -1.66 -1.62
CA ALA A 130 -5.09 -2.84 -2.52
C ALA A 130 -5.71 -4.07 -1.86
N ASN A 131 -5.85 -5.14 -2.58
CA ASN A 131 -6.45 -6.38 -1.99
C ASN A 131 -5.99 -7.58 -2.80
N ASP A 132 -6.57 -7.81 -3.94
CA ASP A 132 -6.12 -8.97 -4.75
C ASP A 132 -4.83 -8.60 -5.49
N VAL A 133 -4.50 -7.33 -5.56
CA VAL A 133 -3.26 -6.93 -6.29
C VAL A 133 -2.03 -7.37 -5.49
N THR A 134 -2.17 -7.48 -4.19
CA THR A 134 -0.99 -7.89 -3.37
C THR A 134 -1.09 -9.37 -3.00
N ASN A 135 -2.21 -10.01 -3.24
CA ASN A 135 -2.35 -11.47 -2.87
C ASN A 135 -1.02 -12.20 -2.98
N PRO A 136 -0.32 -12.21 -1.89
CA PRO A 136 1.00 -12.88 -1.79
C PRO A 136 0.83 -14.39 -1.87
N ALA A 137 -0.38 -14.87 -2.00
CA ALA A 137 -0.57 -16.32 -2.09
C ALA A 137 0.46 -16.91 -3.05
N ALA A 138 0.67 -16.23 -4.14
CA ALA A 138 1.68 -16.70 -5.12
C ALA A 138 3.05 -16.70 -4.45
N LYS A 139 3.22 -15.81 -3.51
CA LYS A 139 4.50 -15.70 -2.76
C LYS A 139 4.50 -16.68 -1.58
N THR A 140 3.34 -17.03 -1.09
CA THR A 140 3.27 -17.94 0.08
C THR A 140 2.85 -19.35 -0.37
N ASP A 141 1.68 -19.48 -0.93
CA ASP A 141 1.22 -20.81 -1.39
C ASP A 141 0.21 -20.65 -2.51
N PRO A 142 0.40 -21.40 -3.57
CA PRO A 142 -0.52 -21.33 -4.73
C PRO A 142 -1.86 -21.98 -4.38
N SER A 143 -1.95 -22.62 -3.24
CA SER A 143 -3.22 -23.28 -2.85
C SER A 143 -4.39 -22.29 -2.98
N SER A 144 -4.11 -21.02 -2.93
CA SER A 144 -5.18 -20.00 -3.07
C SER A 144 -6.19 -20.41 -4.14
N PRO A 145 -7.34 -19.85 -4.00
CA PRO A 145 -8.45 -20.12 -4.94
C PRO A 145 -8.10 -19.58 -6.33
N ILE A 146 -7.12 -18.73 -6.39
CA ILE A 146 -6.68 -18.20 -7.72
C ILE A 146 -5.26 -18.68 -7.98
N TYR A 147 -4.53 -18.04 -8.85
CA TYR A 147 -3.13 -18.50 -9.11
C TYR A 147 -2.13 -17.41 -8.74
N GLY A 148 -2.59 -16.22 -8.51
CA GLY A 148 -1.65 -15.13 -8.14
C GLY A 148 -0.65 -14.94 -9.26
N MET A 149 0.36 -14.19 -9.01
CA MET A 149 1.37 -13.89 -10.05
C MET A 149 2.47 -13.04 -9.39
N PRO A 150 3.17 -12.22 -10.12
CA PRO A 150 4.19 -11.38 -9.50
C PRO A 150 3.52 -10.16 -8.91
N ILE A 151 2.81 -10.38 -7.83
CA ILE A 151 2.08 -9.27 -7.16
C ILE A 151 3.03 -8.14 -6.80
N LEU A 152 2.96 -7.67 -5.60
CA LEU A 152 3.86 -6.56 -5.18
C LEU A 152 4.45 -6.94 -3.84
N ASP A 153 5.06 -8.12 -3.75
CA ASP A 153 5.67 -8.60 -2.45
C ASP A 153 5.70 -7.47 -1.42
N VAL A 154 4.56 -7.10 -0.94
CA VAL A 154 4.44 -5.98 0.01
C VAL A 154 4.77 -6.50 1.42
N GLU A 155 4.12 -7.53 1.88
CA GLU A 155 4.48 -8.06 3.23
C GLU A 155 5.98 -8.28 3.28
N LYS A 156 6.59 -8.46 2.12
CA LYS A 156 8.07 -8.68 2.07
C LYS A 156 8.79 -7.33 2.14
N ALA A 157 8.41 -6.53 3.09
CA ALA A 157 9.04 -5.20 3.29
C ALA A 157 8.99 -4.94 4.78
N GLY A 158 9.49 -3.85 5.27
CA GLY A 158 9.39 -3.68 6.74
C GLY A 158 7.92 -3.75 7.14
N THR A 159 7.26 -2.63 7.30
CA THR A 159 5.82 -2.69 7.66
C THR A 159 4.96 -2.54 6.40
N VAL A 160 3.69 -2.76 6.52
CA VAL A 160 2.80 -2.63 5.34
C VAL A 160 1.45 -2.08 5.79
N LEU A 161 0.93 -1.09 5.11
CA LEU A 161 -0.36 -0.52 5.58
C LEU A 161 -1.51 -0.91 4.64
N PHE A 162 -2.14 -2.02 4.88
CA PHE A 162 -3.31 -2.46 4.05
C PHE A 162 -4.52 -1.74 4.66
N ILE A 163 -4.81 -0.55 4.21
CA ILE A 163 -5.93 0.19 4.84
C ILE A 163 -7.28 -0.15 4.22
N LYS A 164 -8.16 -0.60 5.05
CA LYS A 164 -9.54 -0.94 4.58
C LYS A 164 -10.39 -1.41 5.75
N ARG A 165 -11.68 -1.48 5.59
CA ARG A 165 -12.56 -1.94 6.70
C ARG A 165 -12.07 -3.29 7.22
N SER A 166 -12.33 -4.36 6.50
CA SER A 166 -11.87 -5.69 6.95
C SER A 166 -12.16 -6.74 5.88
N MET A 167 -13.41 -7.06 5.67
CA MET A 167 -13.76 -8.07 4.63
C MET A 167 -13.57 -7.48 3.24
N ALA A 168 -12.38 -7.04 2.93
CA ALA A 168 -12.13 -6.46 1.58
C ALA A 168 -12.19 -7.57 0.53
N SER A 169 -13.21 -7.56 -0.28
CA SER A 169 -13.35 -8.62 -1.32
C SER A 169 -12.34 -8.39 -2.45
N GLY A 170 -12.54 -7.36 -3.25
CA GLY A 170 -11.58 -7.11 -4.36
C GLY A 170 -11.77 -8.19 -5.43
N TYR A 171 -10.85 -8.32 -6.35
CA TYR A 171 -11.01 -9.36 -7.41
C TYR A 171 -10.76 -10.76 -6.83
N ALA A 172 -10.24 -10.83 -5.63
CA ALA A 172 -9.99 -12.16 -5.01
C ALA A 172 -10.07 -12.05 -3.49
N GLY A 173 -9.23 -11.27 -2.87
CA GLY A 173 -9.28 -11.13 -1.39
C GLY A 173 -9.02 -12.50 -0.75
N VAL A 174 -8.41 -13.40 -1.47
CA VAL A 174 -8.14 -14.76 -0.91
C VAL A 174 -6.84 -14.76 -0.12
N GLU A 175 -6.09 -15.81 -0.25
CA GLU A 175 -4.80 -15.93 0.47
C GLU A 175 -4.09 -14.59 0.54
N ASN A 176 -3.81 -14.15 1.74
CA ASN A 176 -3.16 -12.82 1.93
C ASN A 176 -2.67 -12.80 3.37
N GLU A 177 -2.22 -13.91 3.85
CA GLU A 177 -1.75 -13.98 5.26
C GLU A 177 -0.58 -13.02 5.49
N LEU A 178 -0.11 -12.38 4.46
CA LEU A 178 1.00 -11.41 4.59
C LEU A 178 0.89 -10.63 5.90
N PHE A 179 -0.30 -10.46 6.41
CA PHE A 179 -0.47 -9.70 7.68
C PHE A 179 -0.09 -10.56 8.89
N PHE A 180 0.92 -11.39 8.80
CA PHE A 180 1.31 -12.23 9.98
C PHE A 180 2.82 -12.15 10.26
N ARG A 181 3.56 -11.47 9.43
CA ARG A 181 5.04 -11.36 9.67
C ARG A 181 5.39 -9.99 10.26
N ASN A 182 6.67 -9.80 10.54
CA ASN A 182 7.17 -8.51 11.12
C ASN A 182 6.20 -7.37 10.82
N ASN A 183 5.87 -6.57 11.81
CA ASN A 183 4.90 -5.42 11.66
C ASN A 183 4.59 -5.02 10.20
N THR A 184 4.09 -5.91 9.40
CA THR A 184 3.73 -5.55 8.00
C THR A 184 2.25 -5.84 7.81
N MET A 185 1.40 -4.87 7.50
CA MET A 185 -0.01 -5.32 7.39
C MET A 185 -1.09 -4.38 6.83
N MET A 186 -2.28 -4.49 7.44
CA MET A 186 -3.52 -3.78 7.09
C MET A 186 -3.99 -3.02 8.29
N LEU A 187 -4.54 -1.89 8.06
CA LEU A 187 -4.98 -1.05 9.20
C LEU A 187 -6.46 -0.76 9.07
N PHE A 188 -7.27 -1.57 9.71
CA PHE A 188 -8.75 -1.40 9.62
C PHE A 188 -9.11 0.08 9.56
N GLY A 189 -10.07 0.43 8.76
CA GLY A 189 -10.46 1.85 8.64
C GLY A 189 -10.54 2.23 7.16
N ASP A 190 -10.73 3.47 6.87
CA ASP A 190 -10.80 3.88 5.44
C ASP A 190 -9.48 4.50 5.00
N ALA A 191 -9.06 4.25 3.80
CA ALA A 191 -7.79 4.85 3.31
C ALA A 191 -7.77 6.35 3.67
N LYS A 192 -8.93 6.93 3.85
CA LYS A 192 -8.99 8.37 4.23
C LYS A 192 -8.51 8.53 5.67
N LYS A 193 -8.67 7.52 6.48
CA LYS A 193 -8.19 7.60 7.88
C LYS A 193 -6.71 7.26 7.90
N MET A 194 -6.25 6.66 6.84
CA MET A 194 -4.81 6.29 6.76
C MET A 194 -3.94 7.53 6.82
N THR A 195 -3.77 8.21 5.72
CA THR A 195 -2.88 9.42 5.72
C THR A 195 -3.43 10.57 6.56
N GLU A 196 -4.70 10.60 6.86
CA GLU A 196 -5.20 11.76 7.66
C GLU A 196 -4.58 11.74 9.06
N GLN A 197 -4.47 10.59 9.66
CA GLN A 197 -3.90 10.54 11.05
C GLN A 197 -2.36 10.56 11.00
N ILE A 198 -1.76 9.85 10.08
CA ILE A 198 -0.26 9.83 10.03
C ILE A 198 0.31 11.11 9.43
N VAL A 199 0.14 11.31 8.15
CA VAL A 199 0.76 12.49 7.49
C VAL A 199 -0.08 13.75 7.63
N GLN A 200 -1.31 13.63 8.03
CA GLN A 200 -2.15 14.84 8.13
C GLN A 200 -2.48 15.18 9.58
N ALA A 201 -2.25 14.27 10.49
CA ALA A 201 -2.56 14.60 11.92
C ALA A 201 -2.08 13.50 12.89
N MET A 202 -0.81 13.19 12.89
CA MET A 202 -0.30 12.15 13.83
C MET A 202 -0.77 12.45 15.26
N ASN A 203 -0.13 13.40 15.90
CA ASN A 203 -0.52 13.76 17.29
C ASN A 203 -1.05 15.19 17.34
PA NAP B . -9.77 -5.38 -5.69
O1A NAP B . -9.02 -6.37 -5.09
O2A NAP B . -10.52 -5.20 -6.88
O5B NAP B . -9.73 -4.16 -4.72
C5B NAP B . -10.90 -3.66 -4.19
C4B NAP B . -10.48 -3.33 -2.79
O4B NAP B . -10.57 -1.97 -2.37
C3B NAP B . -11.39 -4.19 -1.93
O3B NAP B . -10.94 -5.37 -1.28
C2B NAP B . -12.02 -3.21 -0.95
O2B NAP B . -11.84 -3.58 0.40
C1B NAP B . -11.42 -1.83 -1.26
N9A NAP B . -12.42 -0.74 -1.47
C8A NAP B . -13.48 -0.64 -2.34
N7A NAP B . -14.11 0.52 -2.14
C5A NAP B . -13.45 1.11 -1.18
C6A NAP B . -13.67 2.34 -0.57
N6A NAP B . -14.68 3.10 -0.95
N1A NAP B . -12.80 2.78 0.48
C2A NAP B . -11.73 2.03 0.92
N3A NAP B . -11.55 0.82 0.30
C4A NAP B . -12.38 0.35 -0.73
O3 NAP B . -8.54 -4.94 -6.57
PN NAP B . -6.90 -4.63 -6.76
O1N NAP B . -6.13 -4.84 -5.56
O2N NAP B . -6.83 -3.26 -7.27
O5D NAP B . -6.77 -5.78 -7.83
C5D NAP B . -7.50 -5.72 -9.04
C4D NAP B . -7.38 -7.03 -9.75
O4D NAP B . -8.14 -7.03 -10.97
C3D NAP B . -5.94 -7.45 -10.17
O3D NAP B . -5.73 -8.89 -9.93
C2D NAP B . -5.91 -7.07 -11.65
O2D NAP B . -4.86 -7.68 -12.36
C1D NAP B . -7.31 -7.44 -12.06
N1N NAP B . -7.69 -6.80 -13.33
C2N NAP B . -7.70 -5.35 -13.45
C3N NAP B . -8.07 -4.77 -14.69
C7N NAP B . -8.09 -3.26 -14.87
O7N NAP B . -8.41 -2.80 -15.96
N7N NAP B . -7.74 -2.51 -13.83
C4N NAP B . -8.44 -5.68 -15.78
C5N NAP B . -8.44 -7.16 -15.68
C6N NAP B . -8.07 -7.72 -14.41
P2B NAP B . -12.46 -2.79 1.67
O1X NAP B . -11.80 -1.41 1.66
O2X NAP B . -13.92 -2.79 1.41
O3X NAP B . -11.99 -3.60 2.86
H51A NAP B . -11.67 -4.45 -4.17
H52A NAP B . -11.26 -2.79 -4.73
H4B NAP B . -9.45 -3.65 -2.66
H3B NAP B . -12.20 -4.54 -2.59
HO3A NAP B . -11.77 -5.82 -0.73
H2B NAP B . -13.10 -3.15 -1.15
H1B NAP B . -10.81 -1.54 -0.40
H8A NAP B . -13.77 -1.38 -3.07
H61A NAP B . -14.69 4.02 -0.36
H62A NAP B . -15.40 2.84 -1.73
H2A NAP B . -11.05 2.38 1.74
H51N NAP B . -7.10 -4.93 -9.68
H52N NAP B . -8.56 -5.52 -8.81
H4D NAP B . -7.78 -7.79 -9.09
H3D NAP B . -5.21 -6.88 -9.62
HO3N NAP B . -4.71 -9.16 -10.23
H2D NAP B . -5.79 -5.99 -11.74
HO2N NAP B . -4.90 -7.36 -13.40
H1D NAP B . -7.39 -8.52 -12.18
H2N NAP B . -7.41 -4.72 -12.60
H71N NAP B . -7.80 -1.45 -14.10
H72N NAP B . -7.44 -2.89 -12.85
H4N NAP B . -8.73 -5.24 -16.74
H5N NAP B . -8.72 -7.78 -16.52
H6N NAP B . -8.04 -8.80 -14.26
#